data_5RC0
#
_entry.id   5RC0
#
_cell.length_a   45.221
_cell.length_b   73.236
_cell.length_c   52.403
_cell.angle_alpha   90.000
_cell.angle_beta   109.010
_cell.angle_gamma   90.000
#
_symmetry.space_group_name_H-M   'P 1 21 1'
#
loop_
_entity.id
_entity.type
_entity.pdbx_description
1 polymer Endothiapepsin
2 non-polymer GLYCEROL
3 non-polymer 'ACETATE ION'
4 non-polymer 'TETRAETHYLENE GLYCOL'
5 non-polymer (3-endo)-8-benzyl-8-azabicyclo[3.2.1]octan-3-ol
6 non-polymer 'DIMETHYL SULFOXIDE'
7 water water
#
_entity_poly.entity_id   1
_entity_poly.type   'polypeptide(L)'
_entity_poly.pdbx_seq_one_letter_code
;MSSPLKNALVTAMLAGGALSSPTKQHVGIPVNASPEVGPGKYSFKQVRNPNYKFNGPLSVKKTYLKYGVPIPAWLEDAVQ
NSTSGLAERSTGSATTTPIDSLDDAYITPVQIGTPAQTLNLDFDTGSSDLWVFSSETTASEVDGQTIYTPSKSTTAKLLS
GATWSISYGDGSSSSGDVYTDTVSVGGLTVTGQAVESAKKVSSSFTEDSTIDGLLGLAFSTLNTVSPTQQKTFFDNAKAS
LDSPVFTADLGYHAPGTYNFGFIDTTAYTGSITYTAVSTKQGFWEWTSTGYAVGSGTFKSTSIDGIADTGTTLLYLPATV
VSAYWAQVSGAKSSSSVGGYVFPCSATLPSFTFGVGSARIVIPGDYIDFGPISTGSSSCFGGIQSSAGIGINIFGDVALK
AAFVVFNGATTPTLGFASK
;
_entity_poly.pdbx_strand_id   A
#
# COMPACT_ATOMS: atom_id res chain seq x y z
N SER A 90 -4.05 9.20 -22.78
CA SER A 90 -2.78 8.47 -22.48
C SER A 90 -3.07 7.35 -21.47
N THR A 91 -2.15 6.42 -21.41
CA THR A 91 -2.16 5.34 -20.39
C THR A 91 -0.75 5.10 -19.91
N GLY A 92 -0.62 4.37 -18.80
CA GLY A 92 0.66 3.82 -18.38
C GLY A 92 0.45 2.43 -17.82
N SER A 93 1.47 1.61 -17.86
CA SER A 93 1.42 0.23 -17.32
C SER A 93 2.77 -0.14 -16.79
N ALA A 94 2.90 -0.44 -15.52
CA ALA A 94 4.20 -0.75 -14.90
C ALA A 94 4.06 -2.02 -14.09
N THR A 95 5.07 -2.84 -14.08
CA THR A 95 5.14 -4.03 -13.26
C THR A 95 5.55 -3.67 -11.86
N THR A 96 4.90 -4.26 -10.87
CA THR A 96 5.23 -4.09 -9.44
C THR A 96 5.73 -5.43 -8.89
N THR A 97 6.78 -5.39 -8.08
CA THR A 97 7.53 -6.62 -7.72
C THR A 97 7.62 -6.68 -6.20
N PRO A 98 7.34 -7.81 -5.56
N PRO A 98 7.28 -7.80 -5.54
N PRO A 98 7.34 -7.81 -5.56
N PRO A 98 7.28 -7.80 -5.54
CA PRO A 98 7.48 -7.91 -4.11
CA PRO A 98 7.58 -7.96 -4.12
CA PRO A 98 7.48 -7.91 -4.11
CA PRO A 98 7.58 -7.96 -4.12
C PRO A 98 8.96 -7.71 -3.72
C PRO A 98 9.03 -7.64 -3.76
C PRO A 98 8.96 -7.71 -3.72
C PRO A 98 9.03 -7.64 -3.76
N ILE A 99 9.21 -6.99 -2.63
CA ILE A 99 10.58 -6.70 -2.17
C ILE A 99 11.23 -7.91 -1.53
N ASP A 100 10.48 -8.90 -1.12
CA ASP A 100 11.04 -10.05 -0.39
C ASP A 100 10.08 -11.21 -0.51
N SER A 101 10.45 -12.33 0.12
CA SER A 101 9.70 -13.60 -0.02
C SER A 101 8.37 -13.59 0.72
N LEU A 102 8.12 -12.56 1.49
CA LEU A 102 6.88 -12.46 2.28
C LEU A 102 5.88 -11.50 1.64
N ASP A 103 6.22 -10.84 0.54
CA ASP A 103 5.36 -9.77 -0.03
C ASP A 103 5.19 -8.67 1.02
N ASP A 104 6.25 -8.29 1.71
CA ASP A 104 6.11 -7.23 2.70
C ASP A 104 5.69 -5.90 2.08
N ALA A 105 6.14 -5.65 0.87
CA ALA A 105 5.78 -4.46 0.10
C ALA A 105 6.13 -4.75 -1.32
N TYR A 106 5.72 -3.88 -2.23
CA TYR A 106 5.94 -3.98 -3.67
C TYR A 106 6.62 -2.74 -4.18
N ILE A 107 7.57 -2.89 -5.07
CA ILE A 107 8.25 -1.74 -5.68
C ILE A 107 7.97 -1.69 -7.17
N THR A 108 7.89 -0.48 -7.69
CA THR A 108 7.55 -0.20 -9.06
C THR A 108 8.56 0.80 -9.59
N PRO A 109 9.19 0.58 -10.76
CA PRO A 109 10.19 1.51 -11.23
C PRO A 109 9.49 2.78 -11.72
N VAL A 110 10.11 3.92 -11.44
CA VAL A 110 9.61 5.26 -11.77
C VAL A 110 10.76 6.07 -12.34
N GLN A 111 10.53 6.71 -13.47
CA GLN A 111 11.55 7.56 -14.10
C GLN A 111 11.37 8.99 -13.63
N ILE A 112 12.43 9.59 -13.10
CA ILE A 112 12.35 10.99 -12.60
C ILE A 112 13.46 11.77 -13.31
N GLY A 113 13.12 12.92 -13.84
CA GLY A 113 14.16 13.83 -14.33
C GLY A 113 14.56 13.59 -15.76
N THR A 114 15.53 14.42 -16.20
CA THR A 114 16.04 14.38 -17.59
C THR A 114 17.55 14.55 -17.55
N PRO A 115 18.36 13.59 -17.98
CA PRO A 115 17.93 12.24 -18.39
C PRO A 115 17.27 11.52 -17.21
N ALA A 116 16.54 10.44 -17.53
CA ALA A 116 15.79 9.70 -16.52
C ALA A 116 16.71 9.19 -15.45
N GLN A 117 16.26 9.29 -14.20
CA GLN A 117 16.82 8.61 -13.06
C GLN A 117 15.74 7.60 -12.60
N THR A 118 15.99 6.31 -12.66
CA THR A 118 14.97 5.31 -12.32
C THR A 118 15.14 4.93 -10.86
N LEU A 119 14.08 5.15 -10.09
CA LEU A 119 13.99 4.79 -8.68
C LEU A 119 12.86 3.78 -8.49
N ASN A 120 13.00 2.88 -7.57
CA ASN A 120 11.98 1.88 -7.25
C ASN A 120 11.15 2.34 -6.06
N LEU A 121 9.91 2.72 -6.37
CA LEU A 121 9.05 3.34 -5.35
C LEU A 121 7.95 2.40 -4.90
N ASP A 122 7.54 2.59 -3.65
CA ASP A 122 6.42 1.88 -3.04
C ASP A 122 5.15 2.67 -3.31
N PHE A 123 4.31 2.19 -4.20
CA PHE A 123 3.05 2.87 -4.55
C PHE A 123 2.07 2.66 -3.40
N ASP A 124 1.58 3.76 -2.83
CA ASP A 124 0.88 3.73 -1.54
C ASP A 124 -0.46 4.42 -1.69
N THR A 125 -1.56 3.67 -1.83
CA THR A 125 -2.90 4.26 -1.90
C THR A 125 -3.38 4.74 -0.54
N GLY A 126 -2.60 4.64 0.50
CA GLY A 126 -2.90 5.22 1.81
C GLY A 126 -2.14 6.49 2.14
N SER A 127 -1.44 7.10 1.22
CA SER A 127 -0.78 8.40 1.46
C SER A 127 -0.71 9.16 0.14
N SER A 128 -0.25 10.41 0.23
CA SER A 128 -0.41 11.35 -0.89
C SER A 128 0.84 12.14 -1.19
N ASP A 129 2.01 11.64 -0.78
CA ASP A 129 3.31 12.30 -1.04
C ASP A 129 4.11 11.40 -1.95
N LEU A 130 4.77 11.99 -2.94
CA LEU A 130 5.78 11.31 -3.75
C LEU A 130 7.11 11.79 -3.21
N TRP A 131 7.80 10.96 -2.45
CA TRP A 131 9.07 11.37 -1.84
C TRP A 131 10.11 10.33 -2.15
N VAL A 132 11.34 10.78 -2.24
CA VAL A 132 12.49 9.96 -2.66
C VAL A 132 13.68 10.17 -1.78
N PHE A 133 14.44 9.11 -1.61
CA PHE A 133 15.86 9.24 -1.21
C PHE A 133 16.56 10.09 -2.26
N SER A 134 17.47 10.95 -1.79
CA SER A 134 18.04 11.94 -2.69
C SER A 134 19.50 12.22 -2.31
N SER A 135 20.12 13.07 -3.13
CA SER A 135 21.47 13.64 -2.85
C SER A 135 21.41 14.51 -1.62
N GLU A 136 20.26 14.89 -1.12
CA GLU A 136 20.10 15.75 0.09
C GLU A 136 19.89 14.89 1.32
N THR A 137 19.68 13.59 1.19
CA THR A 137 19.36 12.74 2.37
C THR A 137 20.63 12.59 3.23
N THR A 138 20.51 12.90 4.51
CA THR A 138 21.58 12.67 5.53
C THR A 138 22.34 11.39 5.19
N ALA A 139 23.65 11.44 5.01
CA ALA A 139 24.41 10.31 4.42
C ALA A 139 24.30 9.07 5.29
N SER A 140 24.31 9.21 6.62
CA SER A 140 24.21 8.07 7.53
C SER A 140 22.82 7.41 7.50
N GLU A 141 21.83 8.00 6.84
CA GLU A 141 20.46 7.46 6.73
C GLU A 141 20.24 6.80 5.38
N VAL A 142 21.24 6.74 4.56
CA VAL A 142 21.17 6.04 3.26
C VAL A 142 21.99 4.76 3.39
N ASP A 143 21.41 3.63 3.05
CA ASP A 143 22.12 2.32 3.04
C ASP A 143 21.67 1.46 1.85
N GLY A 144 22.14 1.73 0.68
CA GLY A 144 21.86 0.89 -0.48
C GLY A 144 20.81 1.46 -1.41
N GLN A 145 20.03 2.46 -0.97
CA GLN A 145 18.95 2.97 -1.85
C GLN A 145 19.56 3.67 -3.05
N THR A 146 18.85 3.71 -4.16
CA THR A 146 19.16 4.58 -5.29
C THR A 146 18.62 5.96 -4.95
N ILE A 147 19.38 6.98 -5.23
CA ILE A 147 19.01 8.38 -4.88
C ILE A 147 18.69 9.16 -6.12
N TYR A 148 17.78 10.09 -5.96
CA TYR A 148 17.47 11.13 -6.95
C TYR A 148 18.43 12.32 -6.70
N THR A 149 19.10 12.77 -7.75
CA THR A 149 20.04 13.93 -7.69
C THR A 149 19.43 15.01 -8.55
N PRO A 150 18.72 16.00 -7.98
CA PRO A 150 18.10 17.02 -8.80
C PRO A 150 19.09 17.85 -9.64
N SER A 151 20.31 18.01 -9.13
CA SER A 151 21.29 18.85 -9.83
C SER A 151 21.68 18.18 -11.14
N LYS A 152 21.45 16.89 -11.33
CA LYS A 152 21.77 16.17 -12.58
C LYS A 152 20.59 16.15 -13.52
N SER A 153 19.45 16.74 -13.16
CA SER A 153 18.26 16.74 -14.01
C SER A 153 18.07 18.12 -14.62
N THR A 154 18.00 18.20 -15.92
CA THR A 154 17.87 19.48 -16.63
C THR A 154 16.46 20.03 -16.45
N THR A 155 15.49 19.24 -16.01
CA THR A 155 14.09 19.65 -15.86
C THR A 155 13.76 19.88 -14.38
N ALA A 156 14.67 19.64 -13.44
CA ALA A 156 14.38 19.84 -12.02
C ALA A 156 14.36 21.35 -11.70
N LYS A 157 13.41 21.77 -10.87
N LYS A 157 13.41 21.76 -10.88
N LYS A 157 13.40 21.78 -10.88
N LYS A 157 13.40 21.75 -10.88
CA LYS A 157 13.27 23.17 -10.39
CA LYS A 157 13.39 23.14 -10.36
CA LYS A 157 13.27 23.17 -10.39
CA LYS A 157 13.39 23.14 -10.36
C LYS A 157 12.99 23.11 -8.90
C LYS A 157 13.04 23.07 -8.89
C LYS A 157 13.00 23.10 -8.89
C LYS A 157 13.04 23.07 -8.89
N LEU A 158 13.76 23.80 -8.06
CA LEU A 158 13.42 23.92 -6.63
C LEU A 158 12.04 24.53 -6.55
N LEU A 159 11.17 23.98 -5.75
CA LEU A 159 9.87 24.59 -5.41
C LEU A 159 10.17 25.45 -4.17
N SER A 160 10.46 26.72 -4.43
N SER A 160 10.44 26.73 -4.42
N SER A 160 10.46 26.72 -4.43
N SER A 160 10.44 26.73 -4.42
CA SER A 160 11.11 27.58 -3.40
CA SER A 160 11.04 27.66 -3.43
CA SER A 160 11.10 27.58 -3.41
CA SER A 160 11.04 27.66 -3.43
C SER A 160 10.21 27.73 -2.19
C SER A 160 10.19 27.75 -2.18
C SER A 160 10.21 27.73 -2.19
C SER A 160 10.19 27.75 -2.18
N GLY A 161 10.79 27.45 -1.01
CA GLY A 161 10.11 27.61 0.26
C GLY A 161 9.32 26.43 0.70
N ALA A 162 9.13 25.45 -0.18
CA ALA A 162 8.22 24.34 0.16
C ALA A 162 8.97 23.27 0.96
N THR A 163 8.32 22.79 2.01
CA THR A 163 8.85 21.69 2.83
C THR A 163 7.74 20.65 3.01
N TRP A 164 8.17 19.48 3.48
CA TRP A 164 7.24 18.39 3.72
C TRP A 164 7.74 17.60 4.93
N SER A 165 6.79 16.96 5.57
CA SER A 165 7.08 16.09 6.73
C SER A 165 5.92 15.16 6.92
N ILE A 166 6.21 13.86 6.95
CA ILE A 166 5.12 12.85 7.05
C ILE A 166 5.48 11.81 8.09
N SER A 167 4.41 11.34 8.73
CA SER A 167 4.45 10.26 9.73
C SER A 167 3.45 9.21 9.30
N TYR A 168 3.86 7.96 9.22
CA TYR A 168 2.97 6.87 8.77
C TYR A 168 2.42 6.11 9.98
N GLY A 169 1.47 5.23 9.68
CA GLY A 169 0.73 4.42 10.67
C GLY A 169 1.65 3.53 11.48
N ASP A 170 2.79 3.12 10.92
CA ASP A 170 3.74 2.22 11.61
C ASP A 170 4.73 3.01 12.45
N GLY A 171 4.64 4.34 12.53
CA GLY A 171 5.62 5.12 13.32
C GLY A 171 6.81 5.61 12.50
N SER A 172 6.92 5.22 11.22
CA SER A 172 8.03 5.68 10.35
C SER A 172 7.74 7.11 9.89
N SER A 173 8.79 7.76 9.42
CA SER A 173 8.66 9.19 9.05
C SER A 173 9.78 9.59 8.12
N SER A 174 9.53 10.73 7.45
CA SER A 174 10.52 11.34 6.56
C SER A 174 10.10 12.83 6.37
N SER A 175 11.10 13.60 5.94
CA SER A 175 10.86 15.03 5.70
C SER A 175 11.94 15.60 4.79
N GLY A 176 11.67 16.78 4.23
CA GLY A 176 12.65 17.41 3.37
C GLY A 176 12.09 18.63 2.67
N ASP A 177 12.69 18.86 1.51
CA ASP A 177 12.30 19.97 0.61
C ASP A 177 11.73 19.44 -0.68
N VAL A 178 11.45 20.28 -1.67
CA VAL A 178 10.61 19.88 -2.80
C VAL A 178 11.19 20.42 -4.08
N TYR A 179 11.20 19.60 -5.12
CA TYR A 179 11.54 19.98 -6.50
C TYR A 179 10.32 19.69 -7.37
N THR A 180 10.16 20.37 -8.45
CA THR A 180 9.27 19.87 -9.51
C THR A 180 10.13 19.26 -10.58
N ASP A 181 9.63 18.20 -11.21
CA ASP A 181 10.40 17.51 -12.27
C ASP A 181 9.42 16.68 -13.09
N THR A 182 9.93 16.13 -14.17
CA THR A 182 9.17 15.21 -15.03
C THR A 182 9.20 13.81 -14.43
N VAL A 183 8.05 13.18 -14.27
CA VAL A 183 7.95 11.84 -13.64
C VAL A 183 7.19 10.99 -14.63
N SER A 184 7.71 9.79 -14.91
CA SER A 184 7.03 8.83 -15.80
C SER A 184 6.86 7.49 -15.09
N VAL A 185 5.70 6.90 -15.25
CA VAL A 185 5.39 5.56 -14.71
C VAL A 185 4.87 4.75 -15.86
N GLY A 186 5.60 3.70 -16.24
CA GLY A 186 5.04 2.78 -17.24
C GLY A 186 4.71 3.44 -18.55
N GLY A 187 5.45 4.46 -18.94
CA GLY A 187 5.18 5.18 -20.20
C GLY A 187 4.27 6.38 -20.06
N LEU A 188 3.65 6.63 -18.93
CA LEU A 188 2.78 7.79 -18.70
C LEU A 188 3.60 8.88 -18.04
N THR A 189 3.65 10.06 -18.64
CA THR A 189 4.54 11.15 -18.18
C THR A 189 3.73 12.29 -17.63
N VAL A 190 4.15 12.81 -16.50
CA VAL A 190 3.63 14.06 -15.89
C VAL A 190 4.77 15.05 -15.83
N THR A 191 4.55 16.23 -16.36
CA THR A 191 5.52 17.33 -16.14
C THR A 191 5.10 18.17 -14.94
N GLY A 192 6.09 18.71 -14.28
CA GLY A 192 5.82 19.60 -13.13
C GLY A 192 5.32 18.82 -11.92
N GLN A 193 5.63 17.55 -11.78
CA GLN A 193 5.27 16.80 -10.58
C GLN A 193 6.09 17.24 -9.39
N ALA A 194 5.47 17.41 -8.25
CA ALA A 194 6.21 17.64 -7.01
C ALA A 194 6.93 16.34 -6.61
N VAL A 195 8.23 16.42 -6.55
CA VAL A 195 9.13 15.33 -6.12
C VAL A 195 9.71 15.79 -4.79
N GLU A 196 9.31 15.16 -3.72
CA GLU A 196 9.66 15.56 -2.34
C GLU A 196 10.97 14.89 -2.01
N SER A 197 12.03 15.63 -1.88
CA SER A 197 13.40 15.16 -1.65
C SER A 197 13.65 14.99 -0.18
N ALA A 198 13.94 13.81 0.31
CA ALA A 198 14.16 13.57 1.73
C ALA A 198 15.50 14.17 2.18
N LYS A 199 15.42 14.95 3.26
CA LYS A 199 16.63 15.29 4.02
C LYS A 199 16.81 14.31 5.15
N LYS A 200 15.73 13.80 5.72
CA LYS A 200 15.79 12.89 6.86
C LYS A 200 14.80 11.77 6.63
N VAL A 201 15.20 10.56 6.98
CA VAL A 201 14.26 9.43 6.97
C VAL A 201 14.46 8.67 8.28
N SER A 202 13.40 8.01 8.75
N SER A 202 13.40 8.01 8.75
N SER A 202 13.42 8.02 8.79
N SER A 202 13.41 8.03 8.80
CA SER A 202 13.46 7.17 9.98
CA SER A 202 13.46 7.17 9.98
CA SER A 202 13.59 7.23 10.03
CA SER A 202 13.58 7.24 10.04
C SER A 202 14.11 5.81 9.70
C SER A 202 14.11 5.81 9.70
C SER A 202 14.35 5.94 9.71
C SER A 202 14.35 5.95 9.73
N SER A 203 14.39 5.08 10.77
N SER A 203 14.38 5.07 10.77
N SER A 203 15.00 5.37 10.73
N SER A 203 15.00 5.39 10.74
CA SER A 203 15.23 3.86 10.73
CA SER A 203 15.22 3.86 10.72
CA SER A 203 15.89 4.19 10.63
CA SER A 203 15.86 4.18 10.64
C SER A 203 14.62 2.82 9.79
C SER A 203 14.61 2.81 9.78
C SER A 203 15.29 3.09 9.74
C SER A 203 15.21 3.09 9.78
N SER A 204 13.30 2.66 9.82
N SER A 204 13.28 2.66 9.80
N SER A 204 13.98 2.83 9.83
N SER A 204 13.90 2.86 9.92
CA SER A 204 12.65 1.61 9.01
CA SER A 204 12.62 1.58 9.01
CA SER A 204 13.32 1.70 9.14
CA SER A 204 13.18 1.78 9.21
C SER A 204 12.97 1.86 7.52
C SER A 204 12.85 1.84 7.51
C SER A 204 13.31 1.94 7.63
C SER A 204 13.33 1.97 7.69
N PHE A 205 13.15 3.13 7.08
N PHE A 205 13.17 3.08 7.09
N PHE A 205 12.95 3.14 7.18
N PHE A 205 12.88 3.12 7.18
CA PHE A 205 13.46 3.42 5.66
CA PHE A 205 13.47 3.40 5.66
CA PHE A 205 13.11 3.50 5.76
CA PHE A 205 13.10 3.47 5.76
C PHE A 205 14.93 3.15 5.37
C PHE A 205 14.94 3.14 5.36
C PHE A 205 14.55 3.12 5.39
C PHE A 205 14.54 3.11 5.41
N THR A 206 15.85 3.62 6.21
N THR A 206 15.85 3.62 6.21
N THR A 206 15.50 3.47 6.25
N THR A 206 15.50 3.46 6.27
CA THR A 206 17.28 3.39 6.00
CA THR A 206 17.28 3.39 6.00
CA THR A 206 16.95 3.24 6.02
CA THR A 206 16.94 3.24 6.04
C THR A 206 17.53 1.89 5.90
C THR A 206 17.54 1.88 5.89
C THR A 206 17.23 1.74 5.83
C THR A 206 17.23 1.75 5.83
N GLU A 207 16.86 1.12 6.74
N GLU A 207 16.86 1.12 6.74
N GLU A 207 16.54 0.89 6.58
N GLU A 207 16.54 0.89 6.57
CA GLU A 207 17.11 -0.33 6.92
CA GLU A 207 17.11 -0.33 6.92
CA GLU A 207 16.79 -0.57 6.61
CA GLU A 207 16.79 -0.57 6.61
C GLU A 207 16.50 -1.13 5.77
C GLU A 207 16.50 -1.13 5.77
C GLU A 207 16.22 -1.23 5.34
C GLU A 207 16.22 -1.23 5.34
N ASP A 208 15.73 -0.49 4.90
N ASP A 208 15.73 -0.49 4.90
N ASP A 208 15.15 -0.66 4.79
N ASP A 208 15.15 -0.66 4.79
CA ASP A 208 15.14 -1.21 3.74
CA ASP A 208 15.14 -1.21 3.74
CA ASP A 208 14.49 -1.18 3.55
CA ASP A 208 14.49 -1.18 3.55
C ASP A 208 15.82 -0.69 2.46
C ASP A 208 15.82 -0.69 2.46
C ASP A 208 15.31 -0.72 2.33
C ASP A 208 15.31 -0.72 2.33
N SER A 209 16.84 -1.39 1.98
N SER A 209 16.84 -1.39 1.98
N SER A 209 16.49 -1.32 2.10
N SER A 209 16.49 -1.32 2.10
CA SER A 209 17.64 -0.97 0.82
CA SER A 209 17.63 -0.97 0.81
CA SER A 209 17.43 -0.92 1.02
CA SER A 209 17.43 -0.92 1.02
C SER A 209 16.81 -1.04 -0.47
C SER A 209 16.81 -1.04 -0.47
C SER A 209 16.81 -1.07 -0.38
C SER A 209 16.81 -1.07 -0.38
N THR A 210 15.70 -1.79 -0.47
CA THR A 210 14.95 -2.07 -1.73
C THR A 210 13.99 -0.95 -2.07
N ILE A 211 13.64 -0.08 -1.14
CA ILE A 211 12.62 0.98 -1.35
C ILE A 211 13.30 2.33 -1.45
N ASP A 212 13.22 2.96 -2.61
CA ASP A 212 13.87 4.25 -2.86
C ASP A 212 12.99 5.42 -2.53
N GLY A 213 11.75 5.17 -2.12
CA GLY A 213 10.78 6.21 -1.77
C GLY A 213 9.40 5.70 -1.99
N LEU A 214 8.44 6.61 -1.81
CA LEU A 214 7.00 6.31 -1.90
C LEU A 214 6.35 7.14 -2.97
N LEU A 215 5.35 6.59 -3.62
CA LEU A 215 4.51 7.34 -4.54
C LEU A 215 3.10 7.23 -4.06
N GLY A 216 2.58 8.33 -3.47
CA GLY A 216 1.25 8.32 -2.86
C GLY A 216 0.15 8.41 -3.89
N LEU A 217 -0.92 7.64 -3.63
CA LEU A 217 -2.08 7.52 -4.54
C LEU A 217 -3.39 7.68 -3.80
N ALA A 218 -3.34 8.18 -2.57
CA ALA A 218 -4.58 8.62 -1.87
C ALA A 218 -4.94 10.00 -2.39
N PHE A 219 -5.92 10.65 -1.78
CA PHE A 219 -6.41 11.95 -2.33
C PHE A 219 -5.41 13.04 -1.94
N SER A 220 -5.34 14.06 -2.81
CA SER A 220 -4.31 15.11 -2.66
C SER A 220 -4.50 15.96 -1.41
N THR A 221 -5.70 15.94 -0.84
CA THR A 221 -5.98 16.61 0.46
C THR A 221 -5.10 16.12 1.56
N LEU A 222 -4.47 14.92 1.46
CA LEU A 222 -3.52 14.46 2.48
C LEU A 222 -2.07 14.85 2.21
N ASN A 223 -1.76 15.49 1.09
CA ASN A 223 -0.36 15.79 0.78
C ASN A 223 0.21 16.73 1.84
N THR A 224 1.42 16.51 2.27
CA THR A 224 1.97 17.26 3.42
C THR A 224 2.76 18.49 2.98
N VAL A 225 2.91 18.80 1.72
CA VAL A 225 3.77 19.96 1.36
C VAL A 225 3.14 21.24 1.90
N SER A 226 3.99 22.08 2.49
CA SER A 226 3.66 23.41 3.05
C SER A 226 4.63 24.40 2.44
N PRO A 227 4.15 25.65 2.18
CA PRO A 227 2.82 26.15 2.46
C PRO A 227 1.80 25.94 1.38
N THR A 228 2.21 25.32 0.25
CA THR A 228 1.34 25.12 -0.91
C THR A 228 1.21 23.61 -1.10
N GLN A 229 0.07 23.05 -0.78
CA GLN A 229 -0.17 21.61 -0.90
C GLN A 229 -0.01 21.22 -2.38
N GLN A 230 0.56 20.05 -2.60
CA GLN A 230 0.81 19.55 -3.97
C GLN A 230 -0.10 18.37 -4.34
N LYS A 231 -0.25 18.17 -5.62
CA LYS A 231 -1.04 17.06 -6.17
C LYS A 231 -0.27 15.77 -6.29
N THR A 232 -0.99 14.66 -6.16
CA THR A 232 -0.40 13.35 -6.48
C THR A 232 -0.12 13.19 -7.97
N PHE A 233 0.70 12.20 -8.27
CA PHE A 233 0.96 11.81 -9.68
C PHE A 233 -0.34 11.49 -10.39
N PHE A 234 -1.24 10.76 -9.73
CA PHE A 234 -2.52 10.43 -10.36
C PHE A 234 -3.36 11.67 -10.60
N ASP A 235 -3.46 12.55 -9.62
N ASP A 235 -3.45 12.56 -9.62
CA ASP A 235 -4.24 13.79 -9.77
CA ASP A 235 -4.26 13.78 -9.85
C ASP A 235 -3.67 14.62 -10.92
C ASP A 235 -3.67 14.60 -10.98
N ASN A 236 -2.36 14.73 -11.06
CA ASN A 236 -1.75 15.49 -12.16
C ASN A 236 -1.97 14.76 -13.48
N ALA A 237 -1.95 13.44 -13.54
CA ALA A 237 -2.13 12.69 -14.81
C ALA A 237 -3.55 12.69 -15.30
N LYS A 238 -4.49 12.98 -14.43
N LYS A 238 -4.51 12.76 -14.39
CA LYS A 238 -5.93 13.01 -14.83
CA LYS A 238 -5.91 12.29 -14.64
C LYS A 238 -6.12 13.83 -16.13
C LYS A 238 -6.55 12.95 -15.87
N ALA A 239 -5.34 14.90 -16.33
N ALA A 239 -6.39 14.25 -16.07
CA ALA A 239 -5.51 15.82 -17.49
CA ALA A 239 -7.09 14.92 -17.19
C ALA A 239 -5.36 15.00 -18.78
C ALA A 239 -6.58 14.34 -18.52
N SER A 240 -4.54 13.94 -18.77
N SER A 240 -5.37 13.84 -18.55
CA SER A 240 -4.16 13.15 -19.98
CA SER A 240 -4.70 13.35 -19.78
C SER A 240 -4.70 11.71 -19.99
C SER A 240 -5.07 11.89 -20.06
N LEU A 241 -5.44 11.17 -19.00
CA LEU A 241 -5.71 9.73 -19.10
C LEU A 241 -6.91 9.41 -19.96
N ASP A 242 -6.91 8.28 -20.61
CA ASP A 242 -8.07 7.86 -21.40
C ASP A 242 -9.32 7.74 -20.53
N SER A 243 -9.17 7.27 -19.29
N SER A 243 -9.15 7.19 -19.32
N SER A 243 -9.16 7.27 -19.28
N SER A 243 -9.15 7.19 -19.31
CA SER A 243 -10.23 7.08 -18.27
CA SER A 243 -10.19 7.14 -18.27
CA SER A 243 -10.23 7.08 -18.28
CA SER A 243 -10.19 7.14 -18.27
C SER A 243 -9.61 7.45 -16.94
C SER A 243 -9.54 7.53 -16.95
C SER A 243 -9.60 7.45 -16.94
C SER A 243 -9.55 7.52 -16.95
N PRO A 244 -10.29 8.19 -16.04
CA PRO A 244 -9.68 8.70 -14.83
C PRO A 244 -9.58 7.63 -13.72
N VAL A 245 -8.76 6.61 -13.98
CA VAL A 245 -8.69 5.41 -13.14
C VAL A 245 -7.25 4.95 -13.05
N PHE A 246 -6.96 4.22 -11.99
CA PHE A 246 -5.79 3.34 -11.98
C PHE A 246 -6.20 2.03 -11.37
N THR A 247 -5.44 0.98 -11.65
CA THR A 247 -5.77 -0.36 -11.13
C THR A 247 -4.55 -0.96 -10.48
N ALA A 248 -4.80 -1.69 -9.42
CA ALA A 248 -3.79 -2.46 -8.69
C ALA A 248 -4.07 -3.91 -8.86
N ASP A 249 -3.08 -4.66 -9.33
CA ASP A 249 -3.15 -6.09 -9.55
C ASP A 249 -1.92 -6.69 -8.90
N LEU A 250 -1.94 -6.81 -7.59
CA LEU A 250 -0.77 -7.28 -6.85
C LEU A 250 -0.68 -8.80 -6.93
N GLY A 251 0.54 -9.32 -7.03
CA GLY A 251 0.80 -10.75 -7.07
C GLY A 251 0.98 -11.35 -5.69
N TYR A 252 0.67 -12.61 -5.54
CA TYR A 252 1.04 -13.43 -4.37
C TYR A 252 2.36 -14.10 -4.69
N HIS A 253 3.39 -13.67 -3.98
CA HIS A 253 4.74 -14.19 -4.18
C HIS A 253 5.12 -14.11 -5.66
N ALA A 254 4.76 -13.03 -6.35
CA ALA A 254 4.96 -12.90 -7.80
C ALA A 254 4.75 -11.44 -8.15
N PRO A 255 5.31 -11.00 -9.27
CA PRO A 255 5.05 -9.65 -9.76
C PRO A 255 3.58 -9.49 -10.14
N GLY A 256 3.19 -8.22 -10.20
CA GLY A 256 1.85 -7.78 -10.59
C GLY A 256 1.97 -6.51 -11.39
N THR A 257 0.89 -5.73 -11.47
CA THR A 257 0.81 -4.61 -12.39
C THR A 257 0.04 -3.44 -11.77
N TYR A 258 0.51 -2.24 -11.99
CA TYR A 258 -0.25 -1.00 -11.83
C TYR A 258 -0.51 -0.46 -13.22
N ASN A 259 -1.77 -0.24 -13.55
CA ASN A 259 -2.16 0.42 -14.81
C ASN A 259 -2.79 1.77 -14.50
N PHE A 260 -2.56 2.73 -15.38
CA PHE A 260 -3.16 4.06 -15.28
C PHE A 260 -3.91 4.34 -16.57
N GLY A 261 -5.20 4.69 -16.45
CA GLY A 261 -6.00 5.22 -17.55
C GLY A 261 -6.75 4.18 -18.27
N PHE A 262 -6.75 2.92 -17.88
CA PHE A 262 -7.53 1.90 -18.59
C PHE A 262 -7.71 0.72 -17.67
N ILE A 263 -8.71 -0.10 -17.97
N ILE A 263 -8.79 -0.03 -17.93
N ILE A 263 -8.71 -0.10 -17.97
N ILE A 263 -8.80 -0.03 -17.93
CA ILE A 263 -9.03 -1.31 -17.18
CA ILE A 263 -9.07 -1.36 -17.34
CA ILE A 263 -9.03 -1.31 -17.18
CA ILE A 263 -9.07 -1.36 -17.34
C ILE A 263 -8.76 -2.50 -18.10
C ILE A 263 -8.58 -2.45 -18.27
C ILE A 263 -8.76 -2.50 -18.10
C ILE A 263 -8.58 -2.45 -18.28
N ASP A 264 -7.75 -3.33 -17.79
CA ASP A 264 -7.35 -4.50 -18.60
C ASP A 264 -8.36 -5.59 -18.32
N THR A 265 -9.25 -5.80 -19.29
CA THR A 265 -10.38 -6.77 -19.11
C THR A 265 -9.86 -8.18 -19.20
N THR A 266 -8.59 -8.43 -19.50
CA THR A 266 -7.99 -9.76 -19.49
C THR A 266 -7.37 -10.12 -18.14
N ALA A 267 -7.33 -9.16 -17.23
CA ALA A 267 -6.57 -9.32 -15.98
C ALA A 267 -7.44 -9.85 -14.84
N TYR A 268 -8.73 -10.06 -15.04
CA TYR A 268 -9.62 -10.53 -13.98
C TYR A 268 -10.64 -11.50 -14.55
N THR A 269 -11.31 -12.23 -13.67
CA THR A 269 -12.38 -13.18 -14.03
C THR A 269 -13.72 -12.59 -13.59
N GLY A 270 -14.79 -12.99 -14.25
CA GLY A 270 -16.12 -12.50 -13.85
C GLY A 270 -16.24 -11.01 -14.09
N SER A 271 -17.02 -10.34 -13.25
N SER A 271 -17.04 -10.36 -13.25
N SER A 271 -17.02 -10.34 -13.25
N SER A 271 -17.04 -10.36 -13.25
CA SER A 271 -17.31 -8.92 -13.37
CA SER A 271 -17.38 -8.93 -13.33
CA SER A 271 -17.31 -8.92 -13.37
CA SER A 271 -17.39 -8.92 -13.32
C SER A 271 -16.67 -8.12 -12.22
C SER A 271 -16.62 -8.14 -12.25
C SER A 271 -16.67 -8.12 -12.22
C SER A 271 -16.62 -8.14 -12.25
N ILE A 272 -16.54 -6.82 -12.43
CA ILE A 272 -16.00 -5.92 -11.38
C ILE A 272 -17.20 -5.42 -10.62
N THR A 273 -17.18 -5.52 -9.29
CA THR A 273 -18.22 -4.93 -8.44
C THR A 273 -17.75 -3.60 -7.89
N TYR A 274 -18.42 -2.54 -8.18
CA TYR A 274 -18.06 -1.21 -7.71
C TYR A 274 -18.79 -0.86 -6.42
N THR A 275 -18.17 -0.11 -5.58
CA THR A 275 -18.69 0.26 -4.24
C THR A 275 -18.33 1.70 -3.97
N ALA A 276 -19.15 2.36 -3.18
CA ALA A 276 -18.97 3.78 -2.88
C ALA A 276 -17.74 4.07 -2.05
N VAL A 277 -17.18 5.23 -2.29
CA VAL A 277 -15.98 5.73 -1.59
C VAL A 277 -16.35 7.01 -0.84
N SER A 278 -15.90 7.15 0.37
CA SER A 278 -15.90 8.42 1.09
C SER A 278 -14.50 8.98 0.99
N THR A 279 -14.35 10.25 0.58
CA THR A 279 -13.05 10.93 0.57
C THR A 279 -12.89 11.83 1.81
N LYS A 280 -13.78 11.72 2.78
CA LYS A 280 -13.79 12.66 3.93
C LYS A 280 -12.48 12.63 4.71
N GLN A 281 -11.81 11.49 4.81
CA GLN A 281 -10.52 11.39 5.52
C GLN A 281 -9.35 11.39 4.53
N GLY A 282 -9.59 11.58 3.25
CA GLY A 282 -8.51 11.60 2.22
C GLY A 282 -8.09 10.22 1.74
N PHE A 283 -8.78 9.17 2.15
CA PHE A 283 -8.42 7.79 1.79
C PHE A 283 -9.43 7.24 0.82
N TRP A 284 -9.08 6.11 0.20
CA TRP A 284 -10.01 5.28 -0.56
C TRP A 284 -10.80 4.44 0.46
N GLU A 285 -11.77 5.10 1.11
CA GLU A 285 -12.51 4.52 2.24
C GLU A 285 -13.83 3.99 1.72
N TRP A 286 -14.15 2.78 2.06
CA TRP A 286 -15.33 2.08 1.57
C TRP A 286 -15.90 1.22 2.69
N THR A 287 -17.00 0.55 2.43
CA THR A 287 -17.67 -0.30 3.45
C THR A 287 -17.87 -1.69 2.89
N SER A 288 -17.13 -2.65 3.44
CA SER A 288 -17.34 -4.06 3.11
C SER A 288 -18.68 -4.51 3.70
N THR A 289 -19.30 -5.47 3.06
CA THR A 289 -20.62 -5.98 3.45
C THR A 289 -20.52 -7.19 4.37
N GLY A 290 -19.34 -7.70 4.69
CA GLY A 290 -19.23 -8.76 5.70
C GLY A 290 -18.11 -9.71 5.44
N TYR A 291 -18.11 -10.85 6.10
CA TYR A 291 -16.99 -11.74 5.98
C TYR A 291 -17.39 -13.16 6.24
N ALA A 292 -16.56 -14.10 5.84
CA ALA A 292 -16.66 -15.50 6.24
C ALA A 292 -15.26 -16.01 6.56
N VAL A 293 -15.21 -17.00 7.43
CA VAL A 293 -13.97 -17.71 7.80
C VAL A 293 -13.99 -19.09 7.17
N GLY A 294 -13.04 -19.43 6.34
CA GLY A 294 -13.02 -20.73 5.71
C GLY A 294 -14.31 -21.03 4.99
N SER A 295 -14.85 -22.23 5.24
N SER A 295 -14.84 -22.23 5.24
N SER A 295 -14.85 -22.23 5.24
N SER A 295 -14.84 -22.23 5.24
CA SER A 295 -16.10 -22.70 4.59
CA SER A 295 -16.11 -22.75 4.65
CA SER A 295 -16.10 -22.70 4.59
CA SER A 295 -16.10 -22.74 4.65
C SER A 295 -17.32 -22.25 5.41
C SER A 295 -17.30 -22.36 5.50
C SER A 295 -17.32 -22.25 5.41
C SER A 295 -17.30 -22.36 5.50
N GLY A 296 -17.14 -21.43 6.46
CA GLY A 296 -18.22 -20.98 7.32
C GLY A 296 -19.23 -20.09 6.65
N THR A 297 -20.33 -19.88 7.30
CA THR A 297 -21.41 -19.02 6.79
C THR A 297 -20.93 -17.57 6.72
N PHE A 298 -21.41 -16.85 5.76
CA PHE A 298 -21.10 -15.43 5.60
C PHE A 298 -21.84 -14.60 6.62
N LYS A 299 -21.18 -13.73 7.34
CA LYS A 299 -21.74 -12.81 8.30
C LYS A 299 -21.93 -11.46 7.63
N SER A 300 -23.17 -11.02 7.47
CA SER A 300 -23.51 -9.71 6.90
C SER A 300 -23.29 -8.66 7.95
N THR A 301 -22.35 -7.76 7.80
CA THR A 301 -22.03 -6.74 8.76
C THR A 301 -21.23 -5.67 8.01
N SER A 302 -21.47 -4.42 8.27
CA SER A 302 -20.76 -3.31 7.61
C SER A 302 -19.40 -3.13 8.23
N ILE A 303 -18.33 -3.13 7.42
CA ILE A 303 -16.96 -2.89 7.94
C ILE A 303 -16.37 -1.78 7.13
N ASP A 304 -16.36 -0.57 7.68
N ASP A 304 -16.26 -0.59 7.71
N ASP A 304 -16.36 -0.57 7.68
N ASP A 304 -16.26 -0.59 7.71
CA ASP A 304 -15.69 0.58 7.05
CA ASP A 304 -15.69 0.59 7.04
CA ASP A 304 -15.69 0.58 7.05
CA ASP A 304 -15.69 0.59 7.04
C ASP A 304 -14.20 0.28 7.03
C ASP A 304 -14.16 0.56 7.11
C ASP A 304 -14.20 0.29 7.03
C ASP A 304 -14.16 0.55 7.10
N GLY A 305 -13.48 0.64 5.96
CA GLY A 305 -12.05 0.60 6.00
C GLY A 305 -11.45 1.23 4.76
N ILE A 306 -10.15 1.17 4.63
CA ILE A 306 -9.48 1.82 3.49
C ILE A 306 -8.80 0.76 2.64
N ALA A 307 -8.72 1.02 1.36
CA ALA A 307 -7.92 0.20 0.44
C ALA A 307 -6.53 0.77 0.40
N ASP A 308 -5.53 0.08 0.97
CA ASP A 308 -4.19 0.67 1.22
C ASP A 308 -3.08 -0.26 0.72
N THR A 309 -2.57 0.02 -0.47
CA THR A 309 -1.50 -0.81 -1.03
C THR A 309 -0.21 -0.68 -0.25
N GLY A 310 -0.05 0.38 0.52
CA GLY A 310 1.15 0.58 1.31
C GLY A 310 1.15 -0.07 2.66
N THR A 311 0.11 -0.80 3.00
CA THR A 311 0.06 -1.57 4.28
C THR A 311 0.13 -3.05 3.91
N THR A 312 0.96 -3.79 4.59
CA THR A 312 1.16 -5.22 4.24
C THR A 312 -0.07 -6.07 4.55
N LEU A 313 -0.59 -5.93 5.75
CA LEU A 313 -1.56 -6.87 6.33
C LEU A 313 -2.99 -6.37 6.22
N LEU A 314 -3.91 -7.23 6.65
CA LEU A 314 -5.35 -6.95 6.71
C LEU A 314 -5.66 -6.67 8.18
N TYR A 315 -6.11 -5.45 8.50
CA TYR A 315 -6.44 -5.04 9.87
C TYR A 315 -7.93 -4.84 9.99
N LEU A 316 -8.58 -5.61 10.84
CA LEU A 316 -10.05 -5.65 10.93
C LEU A 316 -10.45 -5.59 12.40
N PRO A 317 -11.74 -5.39 12.69
CA PRO A 317 -12.16 -5.28 14.09
C PRO A 317 -11.84 -6.54 14.88
N ALA A 318 -11.60 -6.37 16.18
CA ALA A 318 -11.17 -7.45 17.05
C ALA A 318 -12.15 -8.61 17.03
N THR A 319 -13.43 -8.37 16.90
CA THR A 319 -14.45 -9.44 16.87
C THR A 319 -14.18 -10.35 15.65
N VAL A 320 -13.92 -9.72 14.49
CA VAL A 320 -13.75 -10.46 13.21
C VAL A 320 -12.47 -11.25 13.31
N VAL A 321 -11.41 -10.62 13.79
CA VAL A 321 -10.08 -11.23 13.85
C VAL A 321 -10.08 -12.39 14.83
N SER A 322 -10.75 -12.25 15.98
CA SER A 322 -10.88 -13.36 16.94
C SER A 322 -11.62 -14.53 16.30
N ALA A 323 -12.67 -14.25 15.57
CA ALA A 323 -13.44 -15.31 14.90
C ALA A 323 -12.57 -16.06 13.91
N TYR A 324 -11.70 -15.36 13.20
CA TYR A 324 -10.79 -16.03 12.24
C TYR A 324 -9.82 -16.92 12.99
N TRP A 325 -9.05 -16.39 13.95
CA TRP A 325 -7.97 -17.14 14.58
C TRP A 325 -8.47 -18.23 15.51
N ALA A 326 -9.72 -18.18 15.91
CA ALA A 326 -10.32 -19.27 16.71
C ALA A 326 -10.41 -20.53 15.88
N GLN A 327 -10.34 -20.45 14.56
CA GLN A 327 -10.37 -21.64 13.67
C GLN A 327 -9.00 -22.19 13.46
N VAL A 328 -7.95 -21.73 14.09
CA VAL A 328 -6.57 -22.23 13.90
C VAL A 328 -6.10 -22.73 15.25
N SER A 329 -5.89 -24.05 15.35
N SER A 329 -5.90 -24.05 15.37
N SER A 329 -5.89 -24.05 15.35
N SER A 329 -5.90 -24.05 15.37
CA SER A 329 -5.40 -24.72 16.59
CA SER A 329 -5.48 -24.67 16.64
CA SER A 329 -5.41 -24.72 16.59
CA SER A 329 -5.48 -24.67 16.64
C SER A 329 -4.09 -24.07 17.04
C SER A 329 -4.13 -24.08 17.06
C SER A 329 -4.09 -24.07 17.04
C SER A 329 -4.13 -24.08 17.06
N GLY A 330 -4.07 -23.57 18.27
CA GLY A 330 -2.89 -23.02 18.86
C GLY A 330 -2.63 -21.56 18.54
N ALA A 331 -3.50 -20.90 17.77
CA ALA A 331 -3.33 -19.47 17.48
C ALA A 331 -3.64 -18.62 18.70
N LYS A 332 -2.92 -17.54 18.89
CA LYS A 332 -3.15 -16.70 20.06
C LYS A 332 -2.63 -15.33 19.72
N SER A 333 -3.14 -14.34 20.43
CA SER A 333 -2.62 -12.98 20.39
C SER A 333 -1.48 -12.86 21.38
N SER A 334 -0.32 -12.49 20.91
CA SER A 334 0.92 -12.32 21.70
C SER A 334 1.22 -10.82 21.84
N SER A 335 1.15 -10.32 23.07
N SER A 335 1.16 -10.33 23.08
N SER A 335 1.15 -10.32 23.07
N SER A 335 1.16 -10.33 23.08
CA SER A 335 1.56 -8.94 23.44
CA SER A 335 1.55 -8.94 23.43
CA SER A 335 1.56 -8.94 23.44
CA SER A 335 1.55 -8.94 23.43
C SER A 335 3.06 -8.76 23.18
C SER A 335 3.05 -8.77 23.17
C SER A 335 3.06 -8.76 23.17
C SER A 335 3.05 -8.77 23.17
N SER A 336 3.86 -9.79 23.43
CA SER A 336 5.34 -9.73 23.23
C SER A 336 5.65 -9.58 21.74
N VAL A 337 4.95 -10.31 20.88
CA VAL A 337 5.26 -10.28 19.42
C VAL A 337 4.53 -9.12 18.76
N GLY A 338 3.37 -8.71 19.29
CA GLY A 338 2.57 -7.62 18.73
C GLY A 338 1.49 -8.05 17.77
N GLY A 339 0.90 -9.20 18.00
CA GLY A 339 -0.30 -9.59 17.27
C GLY A 339 -0.49 -11.08 17.35
N TYR A 340 -1.43 -11.54 16.58
CA TYR A 340 -1.75 -12.97 16.45
C TYR A 340 -0.59 -13.71 15.77
N VAL A 341 -0.26 -14.80 16.44
CA VAL A 341 0.72 -15.82 15.97
C VAL A 341 0.04 -17.16 15.96
N PHE A 342 0.60 -18.07 15.19
CA PHE A 342 0.01 -19.40 15.05
C PHE A 342 1.12 -20.40 14.83
N PRO A 343 0.87 -21.69 15.10
CA PRO A 343 1.90 -22.69 14.86
C PRO A 343 2.22 -22.79 13.41
N CYS A 344 3.53 -22.78 13.09
CA CYS A 344 3.91 -22.87 11.68
C CYS A 344 3.49 -24.21 11.03
N SER A 345 3.14 -25.21 11.81
CA SER A 345 2.63 -26.48 11.28
C SER A 345 1.18 -26.38 10.84
N ALA A 346 0.46 -25.29 11.10
CA ALA A 346 -0.98 -25.18 10.79
C ALA A 346 -1.18 -25.00 9.31
N THR A 347 -2.35 -25.41 8.86
CA THR A 347 -2.94 -25.03 7.56
C THR A 347 -4.00 -23.99 7.85
N LEU A 348 -3.89 -22.81 7.27
CA LEU A 348 -4.80 -21.69 7.59
C LEU A 348 -6.04 -21.76 6.74
N PRO A 349 -7.20 -21.40 7.29
CA PRO A 349 -8.41 -21.23 6.50
C PRO A 349 -8.36 -19.98 5.64
N SER A 350 -9.15 -20.00 4.59
CA SER A 350 -9.36 -18.80 3.81
C SER A 350 -10.11 -17.73 4.61
N PHE A 351 -10.17 -16.54 4.09
CA PHE A 351 -10.96 -15.44 4.63
C PHE A 351 -11.67 -14.78 3.48
N THR A 352 -12.98 -14.64 3.57
CA THR A 352 -13.77 -13.99 2.52
C THR A 352 -14.24 -12.63 2.98
N PHE A 353 -14.15 -11.60 2.17
CA PHE A 353 -14.79 -10.32 2.48
C PHE A 353 -15.80 -9.95 1.39
N GLY A 354 -16.83 -9.23 1.80
CA GLY A 354 -17.90 -8.84 0.89
C GLY A 354 -17.61 -7.49 0.27
N VAL A 355 -17.97 -7.39 -1.02
CA VAL A 355 -18.00 -6.13 -1.80
C VAL A 355 -19.39 -6.10 -2.41
N GLY A 356 -20.27 -5.30 -1.83
CA GLY A 356 -21.70 -5.41 -2.22
C GLY A 356 -22.13 -6.85 -2.10
N SER A 357 -22.81 -7.41 -3.10
N SER A 357 -22.78 -7.38 -3.14
N SER A 357 -22.81 -7.41 -3.10
N SER A 357 -22.78 -7.38 -3.14
CA SER A 357 -23.24 -8.82 -3.11
CA SER A 357 -23.26 -8.78 -3.19
CA SER A 357 -23.24 -8.82 -3.11
CA SER A 357 -23.26 -8.78 -3.19
C SER A 357 -22.14 -9.77 -3.58
C SER A 357 -22.14 -9.75 -3.59
C SER A 357 -22.14 -9.77 -3.58
C SER A 357 -22.14 -9.75 -3.59
N ALA A 358 -20.98 -9.24 -3.97
CA ALA A 358 -19.86 -10.07 -4.41
C ALA A 358 -18.96 -10.46 -3.22
N ARG A 359 -18.12 -11.39 -3.48
CA ARG A 359 -17.23 -11.96 -2.44
C ARG A 359 -15.81 -12.07 -2.99
N ILE A 360 -14.82 -11.67 -2.22
CA ILE A 360 -13.40 -11.88 -2.56
C ILE A 360 -12.86 -12.86 -1.53
N VAL A 361 -12.28 -13.93 -2.00
CA VAL A 361 -11.72 -14.97 -1.16
C VAL A 361 -10.21 -14.86 -1.10
N ILE A 362 -9.68 -14.65 0.13
CA ILE A 362 -8.23 -14.62 0.40
C ILE A 362 -7.83 -16.03 0.77
N PRO A 363 -7.04 -16.75 -0.04
CA PRO A 363 -6.61 -18.10 0.32
C PRO A 363 -5.87 -18.07 1.65
N GLY A 364 -5.95 -19.17 2.41
CA GLY A 364 -5.22 -19.31 3.66
C GLY A 364 -3.75 -19.04 3.54
N ASP A 365 -3.11 -19.47 2.46
N ASP A 365 -3.12 -19.47 2.46
CA ASP A 365 -1.66 -19.30 2.36
CA ASP A 365 -1.65 -19.30 2.36
C ASP A 365 -1.29 -17.81 2.32
C ASP A 365 -1.29 -17.82 2.32
N TYR A 366 -2.18 -16.96 1.86
CA TYR A 366 -1.89 -15.52 1.81
C TYR A 366 -1.74 -14.94 3.24
N ILE A 367 -2.29 -15.60 4.23
CA ILE A 367 -2.38 -15.10 5.60
C ILE A 367 -1.15 -15.55 6.40
N ASP A 368 -0.29 -16.38 5.82
N ASP A 368 -0.25 -16.35 5.80
CA ASP A 368 0.95 -16.80 6.49
CA ASP A 368 0.97 -16.90 6.46
C ASP A 368 2.12 -15.86 6.22
C ASP A 368 2.15 -15.93 6.22
N PHE A 369 2.59 -15.21 7.28
CA PHE A 369 3.76 -14.31 7.18
C PHE A 369 5.00 -14.95 7.81
N GLY A 370 4.99 -16.25 8.02
CA GLY A 370 6.21 -16.98 8.31
C GLY A 370 6.67 -16.79 9.74
N PRO A 371 7.84 -17.40 10.05
CA PRO A 371 8.36 -17.41 11.39
C PRO A 371 8.54 -16.02 11.96
N ILE A 372 8.26 -15.85 13.22
CA ILE A 372 8.36 -14.52 13.86
C ILE A 372 9.82 -14.11 13.95
N SER A 373 10.73 -15.03 14.00
CA SER A 373 12.19 -14.83 13.99
C SER A 373 12.73 -16.02 13.29
N THR A 374 13.92 -15.90 12.73
CA THR A 374 14.46 -16.94 11.93
C THR A 374 14.53 -18.27 12.69
N GLY A 375 14.01 -19.37 12.19
CA GLY A 375 14.01 -20.66 12.80
C GLY A 375 12.88 -20.97 13.78
N SER A 376 12.07 -19.94 14.10
CA SER A 376 10.96 -20.15 15.06
C SER A 376 9.88 -21.04 14.45
N SER A 377 9.21 -21.77 15.28
CA SER A 377 7.99 -22.49 14.89
C SER A 377 6.73 -21.71 15.18
N SER A 378 6.84 -20.47 15.65
N SER A 378 6.84 -20.47 15.65
N SER A 378 6.84 -20.47 15.65
N SER A 378 6.84 -20.47 15.65
CA SER A 378 5.70 -19.55 15.73
CA SER A 378 5.71 -19.54 15.76
CA SER A 378 5.69 -19.54 15.74
CA SER A 378 5.71 -19.54 15.76
C SER A 378 5.69 -18.66 14.50
C SER A 378 5.68 -18.65 14.53
C SER A 378 5.69 -18.65 14.51
C SER A 378 5.68 -18.65 14.53
N CYS A 379 4.56 -18.58 13.83
CA CYS A 379 4.41 -17.83 12.59
C CYS A 379 3.50 -16.63 12.83
N PHE A 380 3.75 -15.59 12.08
CA PHE A 380 3.00 -14.32 12.25
C PHE A 380 1.78 -14.32 11.32
N GLY A 381 0.63 -13.94 11.87
CA GLY A 381 -0.58 -13.91 11.07
C GLY A 381 -0.74 -12.70 10.19
N GLY A 382 -1.39 -12.88 9.07
CA GLY A 382 -1.64 -11.80 8.12
C GLY A 382 -2.92 -11.03 8.32
N ILE A 383 -3.74 -11.49 9.22
CA ILE A 383 -4.97 -10.80 9.64
C ILE A 383 -4.74 -10.39 11.09
N GLN A 384 -4.88 -9.11 11.40
CA GLN A 384 -4.57 -8.55 12.73
C GLN A 384 -5.65 -7.60 13.12
N SER A 385 -5.78 -7.32 14.41
CA SER A 385 -6.78 -6.37 14.90
C SER A 385 -6.39 -4.93 14.55
N SER A 386 -7.41 -4.19 14.16
CA SER A 386 -7.31 -2.75 13.97
C SER A 386 -7.57 -1.95 15.25
N ALA A 387 -7.86 -2.60 16.38
N ALA A 387 -7.86 -2.62 16.37
N ALA A 387 -7.87 -2.61 16.37
N ALA A 387 -7.86 -2.62 16.37
CA ALA A 387 -8.15 -1.85 17.61
CA ALA A 387 -8.34 -1.96 17.61
CA ALA A 387 -8.16 -1.86 17.61
CA ALA A 387 -8.34 -1.96 17.61
C ALA A 387 -6.88 -1.10 18.04
C ALA A 387 -7.46 -0.75 17.96
C ALA A 387 -6.88 -1.10 18.04
C ALA A 387 -7.45 -0.76 17.97
N GLY A 388 -7.01 0.21 18.23
N GLY A 388 -6.13 -0.88 17.84
N GLY A 388 -7.01 0.22 18.21
N GLY A 388 -6.13 -0.88 17.84
CA GLY A 388 -5.90 1.12 18.57
CA GLY A 388 -5.16 0.14 18.29
CA GLY A 388 -5.90 1.11 18.56
CA GLY A 388 -5.15 0.14 18.29
C GLY A 388 -5.45 1.91 17.36
C GLY A 388 -4.82 1.15 17.20
C GLY A 388 -5.43 1.89 17.35
C GLY A 388 -4.87 1.18 17.22
N ILE A 389 -5.69 1.40 16.15
N ILE A 389 -5.53 1.12 16.06
N ILE A 389 -5.71 1.40 16.14
N ILE A 389 -5.53 1.12 16.05
CA ILE A 389 -5.25 2.08 14.90
CA ILE A 389 -5.30 1.99 14.85
CA ILE A 389 -5.25 2.07 14.88
CA ILE A 389 -5.30 2.00 14.85
C ILE A 389 -6.33 3.09 14.50
C ILE A 389 -6.29 3.13 14.75
C ILE A 389 -6.33 3.09 14.50
C ILE A 389 -6.29 3.14 14.75
N GLY A 390 -7.59 2.85 14.89
CA GLY A 390 -8.66 3.81 14.66
C GLY A 390 -9.25 3.71 13.27
N ILE A 391 -8.76 2.79 12.43
CA ILE A 391 -9.38 2.52 11.11
C ILE A 391 -9.07 1.05 10.73
N ASN A 392 -9.97 0.47 9.99
CA ASN A 392 -9.73 -0.84 9.38
C ASN A 392 -8.97 -0.65 8.09
N ILE A 393 -8.08 -1.59 7.80
CA ILE A 393 -7.16 -1.39 6.64
C ILE A 393 -7.17 -2.66 5.81
N PHE A 394 -7.68 -2.55 4.58
CA PHE A 394 -7.57 -3.60 3.56
C PHE A 394 -6.24 -3.40 2.91
N GLY A 395 -5.19 -3.96 3.48
CA GLY A 395 -3.83 -3.88 2.95
C GLY A 395 -3.58 -5.00 1.94
N ASP A 396 -2.31 -5.21 1.67
CA ASP A 396 -1.91 -6.08 0.53
C ASP A 396 -2.45 -7.51 0.67
N VAL A 397 -2.54 -8.07 1.86
CA VAL A 397 -3.13 -9.41 2.06
C VAL A 397 -4.48 -9.50 1.38
N ALA A 398 -5.32 -8.50 1.58
CA ALA A 398 -6.65 -8.48 0.95
C ALA A 398 -6.55 -8.09 -0.52
N LEU A 399 -5.83 -7.01 -0.82
CA LEU A 399 -5.89 -6.47 -2.20
C LEU A 399 -5.27 -7.42 -3.20
N LYS A 400 -4.25 -8.18 -2.80
N LYS A 400 -4.26 -8.20 -2.81
N LYS A 400 -4.25 -8.18 -2.80
N LYS A 400 -4.26 -8.20 -2.81
CA LYS A 400 -3.57 -9.10 -3.74
CA LYS A 400 -3.61 -9.07 -3.81
CA LYS A 400 -3.57 -9.10 -3.74
CA LYS A 400 -3.61 -9.07 -3.81
C LYS A 400 -4.51 -10.24 -4.17
C LYS A 400 -4.50 -10.26 -4.17
C LYS A 400 -4.51 -10.24 -4.17
C LYS A 400 -4.50 -10.26 -4.17
N ALA A 401 -5.59 -10.49 -3.44
CA ALA A 401 -6.60 -11.50 -3.82
C ALA A 401 -7.53 -10.97 -4.90
N ALA A 402 -7.41 -9.73 -5.31
CA ALA A 402 -8.37 -9.12 -6.22
C ALA A 402 -7.65 -8.30 -7.29
N PHE A 403 -8.42 -8.00 -8.35
CA PHE A 403 -8.10 -6.92 -9.30
C PHE A 403 -8.86 -5.69 -8.81
N VAL A 404 -8.18 -4.61 -8.46
CA VAL A 404 -8.80 -3.50 -7.76
C VAL A 404 -8.74 -2.26 -8.65
N VAL A 405 -9.89 -1.63 -8.86
CA VAL A 405 -10.02 -0.41 -9.65
C VAL A 405 -10.19 0.79 -8.72
N PHE A 406 -9.32 1.75 -8.81
CA PHE A 406 -9.41 3.01 -8.10
C PHE A 406 -9.93 4.01 -9.10
N ASN A 407 -11.23 4.27 -9.02
CA ASN A 407 -11.95 5.11 -9.98
C ASN A 407 -11.98 6.52 -9.48
N GLY A 408 -11.18 7.40 -10.07
CA GLY A 408 -11.04 8.81 -9.71
C GLY A 408 -11.92 9.75 -10.53
N ALA A 409 -13.03 9.29 -10.99
CA ALA A 409 -14.10 10.16 -11.54
C ALA A 409 -14.59 11.12 -10.46
N THR A 410 -15.41 12.06 -10.93
CA THR A 410 -15.87 13.19 -10.08
C THR A 410 -16.45 12.63 -8.79
N THR A 411 -17.23 11.55 -8.89
CA THR A 411 -17.67 10.72 -7.73
C THR A 411 -16.78 9.48 -7.69
N PRO A 412 -15.75 9.43 -6.83
CA PRO A 412 -14.85 8.26 -6.86
C PRO A 412 -15.57 7.02 -6.41
N THR A 413 -15.14 5.88 -6.90
CA THR A 413 -15.61 4.58 -6.45
C THR A 413 -14.44 3.59 -6.45
N LEU A 414 -14.58 2.47 -5.76
N LEU A 414 -14.72 2.37 -6.00
N LEU A 414 -14.58 2.47 -5.76
N LEU A 414 -14.72 2.39 -5.99
CA LEU A 414 -13.65 1.33 -5.86
CA LEU A 414 -13.68 1.34 -5.84
CA LEU A 414 -13.65 1.33 -5.86
CA LEU A 414 -13.68 1.34 -5.84
C LEU A 414 -14.34 0.19 -6.58
C LEU A 414 -14.24 0.02 -6.36
C LEU A 414 -14.34 0.19 -6.58
C LEU A 414 -14.24 0.02 -6.36
N GLY A 415 -13.59 -0.59 -7.35
CA GLY A 415 -14.07 -1.81 -7.94
C GLY A 415 -13.22 -2.97 -7.52
N PHE A 416 -13.81 -4.12 -7.29
CA PHE A 416 -13.12 -5.37 -7.01
C PHE A 416 -13.56 -6.45 -7.92
N ALA A 417 -12.67 -7.22 -8.49
CA ALA A 417 -12.96 -8.44 -9.22
C ALA A 417 -12.07 -9.56 -8.69
N SER A 418 -12.55 -10.78 -8.75
N SER A 418 -12.56 -10.79 -8.80
CA SER A 418 -11.69 -11.95 -8.56
CA SER A 418 -11.73 -12.00 -8.63
C SER A 418 -10.74 -12.09 -9.75
C SER A 418 -10.75 -12.11 -9.78
N LYS A 419 -9.70 -12.91 -9.61
CA LYS A 419 -8.72 -13.08 -10.69
C LYS A 419 -8.05 -14.46 -10.60
#